data_3VOW
#
_entry.id   3VOW
#
_cell.length_a   105.042
_cell.length_b   105.042
_cell.length_c   70.046
_cell.angle_alpha   90.00
_cell.angle_beta   90.00
_cell.angle_gamma   120.00
#
_symmetry.space_group_name_H-M   'P 61'
#
loop_
_entity.id
_entity.type
_entity.pdbx_description
1 polymer 'Probable DNA dC->dU-editing enzyme APOBEC-3C'
2 non-polymer 'ZINC ION'
3 non-polymer 'CHLORIDE ION'
4 water water
#
_entity_poly.entity_id   1
_entity_poly.type   'polypeptide(L)'
_entity_poly.pdbx_seq_one_letter_code
;MNPQIRNPMKAMYPGTFYFQFKNLWEANDRNETWLCFTVEGIKRRSVVSWKTGVFRNQVDSETHCHAERCFLSWFCDDIL
SPNTKYQVTWYTSWSPCPDCAGEVAEFLARHSNVNLTIFTARLYYFQYPCYQEGLRSLSQEGVAVEIMDYEDFKYCWENF
VYNDNEPFKPWKGLKTNFRLLKRRLRESLQ
;
_entity_poly.pdbx_strand_id   A,B
#
loop_
_chem_comp.id
_chem_comp.type
_chem_comp.name
_chem_comp.formula
CL non-polymer 'CHLORIDE ION' 'Cl -1'
ZN non-polymer 'ZINC ION' 'Zn 2'
#
# COMPACT_ATOMS: atom_id res chain seq x y z
N ILE A 5 33.54 -0.60 11.72
CA ILE A 5 32.17 -1.04 11.33
C ILE A 5 31.94 -0.99 9.81
N ARG A 6 31.22 -1.98 9.31
CA ARG A 6 31.04 -2.27 7.89
C ARG A 6 30.18 -1.24 7.13
N ASN A 7 30.67 -0.79 5.97
CA ASN A 7 29.86 0.04 5.05
C ASN A 7 28.93 -0.84 4.19
N PRO A 8 27.79 -0.28 3.75
CA PRO A 8 26.91 -1.02 2.82
C PRO A 8 27.50 -1.15 1.41
N MET A 9 27.15 -2.24 0.73
CA MET A 9 27.36 -2.31 -0.71
C MET A 9 26.36 -1.40 -1.39
N LYS A 10 26.60 -1.11 -2.66
CA LYS A 10 25.73 -0.23 -3.41
C LYS A 10 24.55 -1.01 -3.95
N ALA A 11 24.81 -2.25 -4.38
CA ALA A 11 23.83 -3.00 -5.13
C ALA A 11 24.28 -4.44 -5.29
N MET A 12 23.31 -5.29 -5.66
CA MET A 12 23.50 -6.70 -5.95
C MET A 12 23.59 -6.87 -7.46
N TYR A 13 24.26 -7.94 -7.88
CA TYR A 13 24.17 -8.37 -9.25
C TYR A 13 22.84 -9.14 -9.44
N PRO A 14 22.32 -9.11 -10.68
CA PRO A 14 21.02 -9.71 -10.98
C PRO A 14 20.90 -11.19 -10.61
N GLY A 15 21.97 -11.96 -10.86
CA GLY A 15 21.98 -13.38 -10.48
C GLY A 15 21.78 -13.55 -8.98
N THR A 16 22.48 -12.74 -8.17
CA THR A 16 22.31 -12.82 -6.71
C THR A 16 20.87 -12.41 -6.29
N PHE A 17 20.32 -11.36 -6.89
CA PHE A 17 18.98 -10.94 -6.50
C PHE A 17 18.00 -12.08 -6.72
N TYR A 18 17.98 -12.66 -7.92
CA TYR A 18 17.04 -13.70 -8.27
C TYR A 18 17.23 -14.90 -7.36
N PHE A 19 18.46 -15.19 -7.01
CA PHE A 19 18.68 -16.36 -6.17
C PHE A 19 18.25 -16.11 -4.73
N GLN A 20 18.75 -15.03 -4.16
CA GLN A 20 18.61 -14.77 -2.73
C GLN A 20 17.18 -14.41 -2.30
N PHE A 21 16.46 -13.68 -3.15
CA PHE A 21 15.11 -13.21 -2.82
C PHE A 21 13.95 -14.08 -3.32
N LYS A 22 14.27 -15.21 -3.94
CA LYS A 22 13.22 -16.10 -4.43
C LYS A 22 12.34 -16.48 -3.26
N ASN A 23 11.02 -16.42 -3.43
CA ASN A 23 10.15 -16.59 -2.28
C ASN A 23 9.63 -18.04 -2.17
N LEU A 24 10.54 -19.00 -2.39
CA LEU A 24 10.38 -20.45 -2.10
C LEU A 24 9.24 -21.08 -2.91
N TRP A 25 8.82 -22.34 -2.73
CA TRP A 25 9.54 -23.50 -2.11
C TRP A 25 9.67 -23.56 -0.59
N GLU A 26 10.89 -23.76 -0.11
CA GLU A 26 11.23 -23.85 1.32
C GLU A 26 12.64 -23.29 1.55
N ALA A 27 13.33 -23.04 0.43
CA ALA A 27 14.62 -22.35 0.40
C ALA A 27 15.72 -22.89 1.34
N ASN A 28 15.87 -24.21 1.36
CA ASN A 28 16.95 -24.84 2.13
C ASN A 28 18.34 -24.27 1.86
N ASP A 29 18.68 -24.13 0.58
CA ASP A 29 20.01 -23.65 0.19
C ASP A 29 20.24 -22.15 0.36
N ARG A 30 19.36 -21.48 1.11
CA ARG A 30 19.59 -20.06 1.38
C ARG A 30 20.17 -19.84 2.78
N ASN A 31 21.49 -19.94 2.89
CA ASN A 31 22.13 -19.68 4.19
C ASN A 31 22.80 -18.31 4.31
N GLU A 32 22.30 -17.38 3.50
CA GLU A 32 22.59 -15.98 3.73
C GLU A 32 21.30 -15.21 3.97
N THR A 33 21.45 -14.06 4.59
CA THR A 33 20.40 -13.08 4.62
C THR A 33 20.93 -11.85 3.93
N TRP A 34 20.12 -11.31 3.05
CA TRP A 34 20.43 -10.09 2.33
C TRP A 34 19.42 -9.06 2.67
N LEU A 35 19.89 -7.83 2.82
CA LEU A 35 19.06 -6.76 3.28
C LEU A 35 19.29 -5.49 2.50
N CYS A 36 18.26 -5.05 1.79
CA CYS A 36 18.27 -3.80 1.09
C CYS A 36 17.60 -2.72 1.91
N PHE A 37 18.12 -1.50 1.83
CA PHE A 37 17.51 -0.41 2.60
C PHE A 37 17.37 0.89 1.83
N THR A 38 16.36 1.66 2.21
CA THR A 38 16.32 3.06 1.87
C THR A 38 16.23 3.85 3.19
N VAL A 39 16.94 4.96 3.24
CA VAL A 39 16.84 5.87 4.38
C VAL A 39 16.55 7.26 3.84
N GLU A 40 15.44 7.84 4.28
CA GLU A 40 15.02 9.15 3.84
C GLU A 40 14.96 10.12 5.01
N GLY A 41 15.69 11.23 4.86
CA GLY A 41 15.73 12.27 5.89
C GLY A 41 14.81 13.39 5.49
N ILE A 42 13.91 13.75 6.41
CA ILE A 42 12.92 14.81 6.22
C ILE A 42 13.12 15.90 7.28
N LYS A 43 13.31 17.13 6.83
CA LYS A 43 13.44 18.28 7.74
C LYS A 43 12.64 19.47 7.21
N ARG A 44 11.75 19.98 8.08
CA ARG A 44 10.83 21.07 7.74
C ARG A 44 10.01 20.79 6.48
N ARG A 45 9.39 19.60 6.42
CA ARG A 45 8.57 19.13 5.29
C ARG A 45 9.33 18.94 3.95
N SER A 46 10.63 18.75 4.02
CA SER A 46 11.41 18.56 2.78
C SER A 46 12.51 17.52 2.90
N VAL A 47 12.72 16.77 1.82
CA VAL A 47 13.74 15.73 1.76
C VAL A 47 15.12 16.38 1.84
N VAL A 48 15.85 16.05 2.88
CA VAL A 48 17.19 16.58 3.08
C VAL A 48 18.24 15.53 2.74
N SER A 49 17.82 14.26 2.66
CA SER A 49 18.75 13.17 2.42
C SER A 49 18.08 11.86 1.99
N TRP A 50 18.81 11.11 1.18
CA TRP A 50 18.35 9.86 0.62
C TRP A 50 19.58 9.01 0.51
N LYS A 51 19.58 7.86 1.20
CA LYS A 51 20.65 6.89 1.10
C LYS A 51 20.10 5.49 0.86
N THR A 52 20.73 4.74 -0.02
CA THR A 52 20.34 3.34 -0.26
C THR A 52 21.52 2.39 -0.26
N GLY A 53 21.25 1.10 -0.16
CA GLY A 53 22.33 0.12 -0.12
C GLY A 53 21.88 -1.22 0.38
N VAL A 54 22.87 -2.11 0.52
CA VAL A 54 22.63 -3.50 0.81
C VAL A 54 23.65 -3.97 1.85
N PHE A 55 23.17 -4.73 2.84
CA PHE A 55 24.06 -5.49 3.75
C PHE A 55 23.73 -6.95 3.57
N ARG A 56 24.69 -7.84 3.88
CA ARG A 56 24.40 -9.27 3.92
C ARG A 56 25.13 -10.01 5.07
N ASN A 57 24.75 -11.27 5.31
CA ASN A 57 25.42 -12.12 6.31
C ASN A 57 25.11 -13.60 6.09
N GLN A 58 25.90 -14.47 6.71
CA GLN A 58 25.63 -15.90 6.71
C GLN A 58 24.69 -16.28 7.83
N VAL A 59 23.92 -17.32 7.57
CA VAL A 59 23.07 -17.97 8.55
C VAL A 59 23.90 -18.77 9.57
N ASP A 60 25.22 -18.76 9.40
CA ASP A 60 26.12 -19.42 10.33
C ASP A 60 26.57 -18.49 11.44
N SER A 61 26.55 -17.18 11.17
CA SER A 61 27.26 -16.23 12.02
C SER A 61 26.65 -16.02 13.42
N GLU A 62 27.49 -15.51 14.32
CA GLU A 62 27.03 -15.02 15.61
C GLU A 62 25.95 -14.00 15.32
N THR A 63 24.92 -13.97 16.16
CA THR A 63 23.77 -13.14 15.86
C THR A 63 24.16 -11.68 15.69
N HIS A 64 25.25 -11.24 16.35
CA HIS A 64 25.67 -9.83 16.28
C HIS A 64 26.24 -9.41 14.93
N CYS A 65 26.47 -10.38 14.05
CA CYS A 65 26.90 -10.11 12.68
C CYS A 65 25.74 -10.09 11.66
N HIS A 66 24.50 -10.14 12.16
CA HIS A 66 23.31 -10.15 11.29
C HIS A 66 23.22 -8.86 10.52
N ALA A 67 22.80 -8.95 9.26
CA ALA A 67 22.70 -7.78 8.39
C ALA A 67 21.98 -6.63 9.05
N GLU A 68 20.93 -6.94 9.80
CA GLU A 68 20.18 -5.89 10.49
C GLU A 68 21.07 -5.19 11.53
N ARG A 69 21.97 -5.94 12.16
CA ARG A 69 22.87 -5.35 13.18
C ARG A 69 23.90 -4.43 12.50
N CYS A 70 24.43 -4.90 11.38
CA CYS A 70 25.31 -4.08 10.53
C CYS A 70 24.61 -2.79 10.13
N PHE A 71 23.34 -2.88 9.74
CA PHE A 71 22.64 -1.66 9.33
C PHE A 71 22.55 -0.73 10.51
N LEU A 72 22.12 -1.29 11.64
CA LEU A 72 21.90 -0.47 12.83
C LEU A 72 23.21 0.21 13.29
N SER A 73 24.31 -0.54 13.31
CA SER A 73 25.58 0.06 13.78
C SER A 73 26.06 1.13 12.78
N TRP A 74 25.95 0.83 11.48
CA TRP A 74 26.29 1.80 10.44
C TRP A 74 25.47 3.07 10.50
N PHE A 75 24.16 2.92 10.67
CA PHE A 75 23.25 4.06 10.70
C PHE A 75 23.50 5.01 11.89
N CYS A 76 23.84 4.44 13.03
CA CYS A 76 24.20 5.23 14.24
C CYS A 76 25.58 5.91 14.18
N ASP A 77 25.67 6.96 13.37
CA ASP A 77 26.83 7.86 13.35
C ASP A 77 26.29 9.29 13.23
N ASP A 78 26.99 10.13 12.48
CA ASP A 78 26.42 11.40 12.03
C ASP A 78 25.43 11.13 10.89
N ILE A 79 25.45 9.90 10.36
CA ILE A 79 24.45 9.41 9.41
C ILE A 79 23.05 9.66 9.98
N LEU A 80 22.95 9.63 11.31
CA LEU A 80 21.81 10.18 12.05
C LEU A 80 22.11 11.60 12.54
N SER A 81 21.18 12.51 12.30
CA SER A 81 21.31 13.92 12.68
C SER A 81 20.09 14.37 13.50
N PRO A 82 20.19 14.26 14.85
CA PRO A 82 19.18 14.46 15.91
C PRO A 82 17.91 15.27 15.62
N ASN A 83 17.97 16.24 14.71
CA ASN A 83 16.83 17.13 14.44
C ASN A 83 15.88 16.68 13.32
N THR A 84 16.25 15.61 12.62
CA THR A 84 15.61 15.18 11.36
C THR A 84 14.71 13.93 11.59
N LYS A 85 13.60 13.82 10.84
CA LYS A 85 12.80 12.57 10.83
C LYS A 85 13.38 11.61 9.79
N TYR A 86 13.65 10.38 10.20
CA TYR A 86 14.15 9.36 9.29
C TYR A 86 13.09 8.30 9.01
N GLN A 87 12.87 8.01 7.72
CA GLN A 87 12.08 6.86 7.27
C GLN A 87 13.02 5.82 6.73
N VAL A 88 13.06 4.68 7.39
CA VAL A 88 13.94 3.61 7.01
C VAL A 88 13.04 2.48 6.50
N THR A 89 13.36 1.94 5.32
CA THR A 89 12.67 0.77 4.81
C THR A 89 13.69 -0.31 4.57
N TRP A 90 13.40 -1.53 5.03
CA TRP A 90 14.21 -2.69 4.72
C TRP A 90 13.43 -3.63 3.85
N TYR A 91 14.16 -4.32 3.00
CA TYR A 91 13.65 -5.38 2.21
C TYR A 91 14.59 -6.50 2.49
N THR A 92 14.14 -7.53 3.23
CA THR A 92 15.01 -8.67 3.62
CA THR A 92 15.03 -8.62 3.56
C THR A 92 14.60 -9.98 2.99
N SER A 93 15.58 -10.85 2.75
CA SER A 93 15.36 -12.11 2.07
C SER A 93 14.83 -13.17 2.98
N TRP A 94 15.30 -13.16 4.22
CA TRP A 94 14.71 -13.97 5.32
C TRP A 94 14.22 -13.05 6.41
N SER A 95 13.07 -13.34 6.99
CA SER A 95 12.58 -12.50 8.10
C SER A 95 13.54 -12.52 9.31
N PRO A 96 13.59 -11.40 10.07
CA PRO A 96 14.55 -11.20 11.17
C PRO A 96 14.32 -12.08 12.40
N CYS A 97 15.42 -12.56 12.99
CA CYS A 97 15.35 -13.45 14.15
C CYS A 97 14.97 -12.65 15.40
N PRO A 98 14.58 -13.34 16.50
CA PRO A 98 14.26 -12.70 17.79
C PRO A 98 15.21 -11.60 18.30
N ASP A 99 16.52 -11.84 18.29
CA ASP A 99 17.49 -10.86 18.84
C ASP A 99 17.62 -9.56 18.07
N CYS A 100 17.60 -9.67 16.75
CA CYS A 100 17.52 -8.49 15.91
C CYS A 100 16.27 -7.69 16.25
N ALA A 101 15.16 -8.42 16.35
CA ALA A 101 13.89 -7.80 16.79
C ALA A 101 14.11 -7.03 18.08
N GLY A 102 14.75 -7.69 19.04
CA GLY A 102 15.14 -7.01 20.29
C GLY A 102 16.02 -5.80 20.07
N GLU A 103 17.05 -5.95 19.24
CA GLU A 103 17.95 -4.85 18.97
C GLU A 103 17.26 -3.66 18.30
N VAL A 104 16.36 -3.95 17.34
CA VAL A 104 15.57 -2.91 16.69
C VAL A 104 14.68 -2.19 17.68
N ALA A 105 13.97 -2.96 18.50
CA ALA A 105 13.16 -2.39 19.57
C ALA A 105 14.00 -1.46 20.48
N GLU A 106 15.23 -1.88 20.83
CA GLU A 106 16.08 -0.98 21.62
C GLU A 106 16.52 0.23 20.81
N PHE A 107 16.98 -0.02 19.57
CA PHE A 107 17.34 1.06 18.65
C PHE A 107 16.25 2.13 18.51
N LEU A 108 15.00 1.71 18.31
CA LEU A 108 13.90 2.67 18.15
C LEU A 108 13.51 3.38 19.43
N ALA A 109 13.55 2.63 20.54
CA ALA A 109 13.39 3.22 21.86
C ALA A 109 14.43 4.30 21.99
N ARG A 110 15.67 3.99 21.61
CA ARG A 110 16.76 4.96 21.67
C ARG A 110 16.55 6.21 20.78
N HIS A 111 16.24 5.98 19.51
CA HIS A 111 16.14 7.04 18.50
C HIS A 111 14.72 7.22 18.07
N SER A 112 14.04 8.16 18.71
CA SER A 112 12.60 8.31 18.56
C SER A 112 12.18 9.09 17.28
N ASN A 113 13.14 9.68 16.59
CA ASN A 113 12.91 10.37 15.30
C ASN A 113 13.06 9.45 14.05
N VAL A 114 13.17 8.14 14.30
CA VAL A 114 13.28 7.13 13.25
C VAL A 114 12.00 6.29 13.15
N ASN A 115 11.46 6.15 11.94
CA ASN A 115 10.45 5.11 11.69
C ASN A 115 11.01 3.96 10.84
N LEU A 116 10.39 2.78 10.88
CA LEU A 116 10.88 1.57 10.20
C LEU A 116 9.74 0.71 9.64
N THR A 117 9.94 0.21 8.43
CA THR A 117 9.05 -0.79 7.85
C THR A 117 9.99 -1.87 7.32
N ILE A 118 9.60 -3.13 7.51
CA ILE A 118 10.36 -4.27 7.01
C ILE A 118 9.50 -5.08 6.04
N PHE A 119 9.93 -5.18 4.79
CA PHE A 119 9.37 -6.10 3.81
C PHE A 119 10.25 -7.34 3.81
N THR A 120 9.67 -8.54 3.84
CA THR A 120 10.50 -9.74 3.82
C THR A 120 10.09 -10.71 2.74
N ALA A 121 11.08 -11.36 2.13
CA ALA A 121 10.74 -12.22 1.01
C ALA A 121 10.15 -13.52 1.55
N ARG A 122 10.80 -14.06 2.59
CA ARG A 122 10.45 -15.36 3.12
C ARG A 122 10.31 -15.28 4.63
N LEU A 123 9.59 -16.23 5.22
CA LEU A 123 9.42 -16.26 6.67
C LEU A 123 10.37 -17.31 7.21
N TYR A 124 11.30 -16.86 8.05
CA TYR A 124 12.34 -17.71 8.60
C TYR A 124 11.93 -18.50 9.86
N TYR A 125 12.11 -19.81 9.80
CA TYR A 125 11.81 -20.74 10.90
C TYR A 125 10.47 -20.49 11.55
N PHE A 126 9.43 -20.40 10.72
CA PHE A 126 8.21 -19.77 11.19
C PHE A 126 7.26 -20.70 11.89
N GLN A 127 7.51 -22.00 11.79
CA GLN A 127 6.79 -23.03 12.53
C GLN A 127 7.07 -22.96 14.03
N TYR A 128 8.22 -22.38 14.40
CA TYR A 128 8.63 -22.29 15.79
C TYR A 128 8.23 -20.95 16.42
N PRO A 129 7.94 -20.95 17.74
CA PRO A 129 7.30 -19.78 18.34
C PRO A 129 8.20 -18.57 18.53
N CYS A 130 9.51 -18.79 18.62
CA CYS A 130 10.45 -17.68 18.84
C CYS A 130 10.47 -16.67 17.71
N TYR A 131 10.42 -17.18 16.48
CA TYR A 131 10.58 -16.32 15.33
C TYR A 131 9.26 -15.62 15.06
N GLN A 132 8.15 -16.29 15.32
CA GLN A 132 6.84 -15.61 15.34
C GLN A 132 6.79 -14.46 16.34
N GLU A 133 7.30 -14.68 17.57
CA GLU A 133 7.15 -13.65 18.60
CA GLU A 133 7.29 -13.70 18.68
C GLU A 133 8.11 -12.51 18.32
N GLY A 134 9.21 -12.78 17.62
CA GLY A 134 10.13 -11.72 17.26
C GLY A 134 9.33 -10.80 16.35
N LEU A 135 8.63 -11.37 15.39
CA LEU A 135 7.79 -10.53 14.50
C LEU A 135 6.69 -9.77 15.22
N ARG A 136 5.96 -10.45 16.12
CA ARG A 136 4.96 -9.78 16.95
C ARG A 136 5.57 -8.63 17.74
N SER A 137 6.78 -8.84 18.22
CA SER A 137 7.37 -7.78 19.00
C SER A 137 7.64 -6.53 18.16
N LEU A 138 8.08 -6.72 16.92
CA LEU A 138 8.33 -5.58 16.02
C LEU A 138 7.00 -4.84 15.76
N SER A 139 5.97 -5.60 15.43
CA SER A 139 4.62 -5.06 15.26
C SER A 139 4.14 -4.24 16.45
N GLN A 140 4.36 -4.75 17.66
CA GLN A 140 4.03 -4.06 18.89
C GLN A 140 4.83 -2.78 19.08
N GLU A 141 6.07 -2.81 18.62
CA GLU A 141 6.90 -1.61 18.73
C GLU A 141 6.42 -0.54 17.74
N GLY A 142 5.47 -0.92 16.87
CA GLY A 142 4.94 -0.03 15.82
C GLY A 142 5.70 -0.12 14.50
N VAL A 143 6.48 -1.19 14.33
CA VAL A 143 7.21 -1.43 13.07
C VAL A 143 6.32 -2.28 12.15
N ALA A 144 6.11 -1.81 10.93
CA ALA A 144 5.38 -2.57 9.92
C ALA A 144 6.24 -3.69 9.39
N VAL A 145 5.68 -4.90 9.36
CA VAL A 145 6.36 -6.09 8.85
C VAL A 145 5.46 -6.67 7.77
N GLU A 146 5.95 -6.74 6.53
CA GLU A 146 5.12 -7.10 5.40
C GLU A 146 5.83 -8.11 4.54
N ILE A 147 5.07 -8.97 3.86
CA ILE A 147 5.63 -9.91 2.92
C ILE A 147 5.85 -9.11 1.62
N MET A 148 6.97 -9.34 0.94
CA MET A 148 7.20 -8.76 -0.38
C MET A 148 6.27 -9.36 -1.44
N ASP A 149 5.60 -8.46 -2.15
CA ASP A 149 4.75 -8.81 -3.27
C ASP A 149 5.52 -8.41 -4.54
N TYR A 150 4.88 -8.63 -5.68
CA TYR A 150 5.41 -8.26 -6.97
C TYR A 150 6.01 -6.84 -7.05
N GLU A 151 5.24 -5.81 -6.68
CA GLU A 151 5.78 -4.44 -6.77
CA GLU A 151 5.72 -4.39 -6.68
C GLU A 151 6.97 -4.19 -5.81
N ASP A 152 7.03 -4.91 -4.69
CA ASP A 152 8.20 -4.83 -3.80
C ASP A 152 9.43 -5.47 -4.40
N PHE A 153 9.27 -6.67 -4.98
CA PHE A 153 10.38 -7.27 -5.72
C PHE A 153 10.79 -6.36 -6.92
N LYS A 154 9.82 -5.76 -7.59
CA LYS A 154 10.19 -4.93 -8.75
C LYS A 154 10.93 -3.66 -8.24
N TYR A 155 10.42 -3.08 -7.17
CA TYR A 155 11.05 -1.94 -6.55
C TYR A 155 12.50 -2.26 -6.23
N CYS A 156 12.77 -3.43 -5.65
CA CYS A 156 14.17 -3.81 -5.32
C CYS A 156 15.02 -3.95 -6.58
N TRP A 157 14.43 -4.56 -7.59
CA TRP A 157 15.06 -4.73 -8.88
C TRP A 157 15.48 -3.39 -9.42
N GLU A 158 14.57 -2.44 -9.33
CA GLU A 158 14.77 -1.11 -9.89
C GLU A 158 15.67 -0.19 -9.08
N ASN A 159 16.00 -0.56 -7.83
CA ASN A 159 16.80 0.34 -6.94
C ASN A 159 18.08 -0.25 -6.41
N PHE A 160 18.13 -1.56 -6.24
CA PHE A 160 19.22 -2.24 -5.52
C PHE A 160 19.97 -3.23 -6.39
N VAL A 161 19.70 -3.22 -7.69
CA VAL A 161 20.32 -4.19 -8.57
C VAL A 161 21.04 -3.52 -9.77
N TYR A 162 22.23 -4.04 -10.07
CA TYR A 162 22.95 -3.70 -11.31
C TYR A 162 22.25 -4.42 -12.44
N ASN A 163 21.09 -3.89 -12.80
CA ASN A 163 20.15 -4.56 -13.69
C ASN A 163 20.41 -4.33 -15.19
N ASP A 164 21.35 -3.44 -15.53
CA ASP A 164 21.74 -3.21 -16.94
C ASP A 164 20.55 -2.81 -17.79
N ASN A 165 19.61 -2.11 -17.17
CA ASN A 165 18.42 -1.60 -17.85
C ASN A 165 17.43 -2.69 -18.28
N GLU A 166 17.77 -3.98 -18.05
CA GLU A 166 16.84 -5.10 -18.24
C GLU A 166 15.70 -5.03 -17.21
N PRO A 167 14.50 -5.44 -17.61
CA PRO A 167 13.35 -5.39 -16.70
C PRO A 167 13.32 -6.56 -15.69
N PHE A 168 12.58 -6.34 -14.62
CA PHE A 168 12.30 -7.39 -13.66
C PHE A 168 11.47 -8.49 -14.31
N LYS A 169 11.89 -9.73 -14.11
CA LYS A 169 11.21 -10.88 -14.62
C LYS A 169 10.85 -11.79 -13.43
N PRO A 170 9.55 -11.91 -13.10
CA PRO A 170 9.09 -12.76 -11.98
C PRO A 170 9.28 -14.26 -12.27
N TRP A 171 9.58 -15.04 -11.24
CA TRP A 171 9.72 -16.47 -11.38
C TRP A 171 8.35 -17.08 -11.24
N LYS A 172 8.20 -18.30 -11.74
CA LYS A 172 6.93 -19.02 -11.65
C LYS A 172 6.58 -19.18 -10.17
N GLY A 173 5.31 -18.98 -9.83
CA GLY A 173 4.84 -19.12 -8.45
C GLY A 173 5.09 -17.93 -7.52
N LEU A 174 5.69 -16.85 -8.04
CA LEU A 174 5.95 -15.67 -7.20
C LEU A 174 4.71 -15.22 -6.44
N LYS A 175 3.60 -15.12 -7.17
CA LYS A 175 2.37 -14.57 -6.62
C LYS A 175 1.73 -15.55 -5.68
N THR A 176 1.72 -16.82 -6.09
CA THR A 176 1.25 -17.95 -5.28
C THR A 176 1.95 -17.97 -3.94
N ASN A 177 3.29 -17.96 -3.95
CA ASN A 177 4.08 -18.00 -2.74
C ASN A 177 3.79 -16.77 -1.87
N PHE A 178 3.66 -15.58 -2.48
CA PHE A 178 3.33 -14.34 -1.75
C PHE A 178 2.08 -14.52 -0.90
N ARG A 179 1.02 -15.07 -1.51
CA ARG A 179 -0.28 -15.21 -0.84
C ARG A 179 -0.22 -16.17 0.31
N LEU A 180 0.46 -17.31 0.12
CA LEU A 180 0.70 -18.27 1.19
C LEU A 180 1.42 -17.59 2.33
N LEU A 181 2.48 -16.84 2.04
CA LEU A 181 3.28 -16.26 3.11
C LEU A 181 2.50 -15.17 3.80
N LYS A 182 1.75 -14.40 3.02
CA LYS A 182 0.94 -13.31 3.56
C LYS A 182 -0.14 -13.87 4.51
N ARG A 183 -0.74 -14.99 4.14
CA ARG A 183 -1.70 -15.68 5.02
C ARG A 183 -1.01 -16.10 6.33
N ARG A 184 0.16 -16.74 6.24
CA ARG A 184 0.92 -17.14 7.43
C ARG A 184 1.34 -15.97 8.30
N LEU A 185 1.72 -14.86 7.70
CA LEU A 185 2.12 -13.71 8.51
C LEU A 185 0.92 -13.10 9.24
N ARG A 186 -0.17 -12.95 8.50
CA ARG A 186 -1.39 -12.34 9.01
C ARG A 186 -1.88 -13.12 10.23
N GLU A 187 -1.95 -14.43 10.08
CA GLU A 187 -2.36 -15.37 11.12
C GLU A 187 -1.50 -15.23 12.37
N SER A 188 -0.21 -14.99 12.15
CA SER A 188 0.76 -14.96 13.22
C SER A 188 0.83 -13.61 13.92
N LEU A 189 0.31 -12.56 13.29
CA LEU A 189 0.44 -11.22 13.86
C LEU A 189 -0.82 -10.71 14.53
N GLN A 190 -1.92 -11.43 14.41
CA GLN A 190 -3.06 -11.12 15.29
C GLN A 190 -2.62 -11.12 16.76
N ILE B 5 -8.54 -13.59 -9.52
CA ILE B 5 -8.52 -12.60 -8.40
C ILE B 5 -8.01 -11.24 -8.91
N ARG B 6 -8.94 -10.44 -9.43
CA ARG B 6 -8.63 -9.25 -10.21
C ARG B 6 -7.71 -8.21 -9.54
N ASN B 7 -6.53 -8.02 -10.13
CA ASN B 7 -5.58 -7.00 -9.71
C ASN B 7 -6.00 -5.60 -10.15
N PRO B 8 -5.56 -4.59 -9.40
CA PRO B 8 -5.80 -3.19 -9.75
C PRO B 8 -4.92 -2.79 -10.92
N MET B 9 -5.40 -1.89 -11.77
CA MET B 9 -4.57 -1.16 -12.73
C MET B 9 -3.79 -0.10 -11.96
N LYS B 10 -2.70 0.40 -12.52
CA LYS B 10 -1.96 1.48 -11.90
C LYS B 10 -2.55 2.88 -12.24
N ALA B 11 -2.92 3.08 -13.49
CA ALA B 11 -3.31 4.40 -13.97
C ALA B 11 -4.10 4.23 -15.26
N MET B 12 -4.80 5.28 -15.66
CA MET B 12 -5.48 5.33 -16.95
C MET B 12 -4.88 6.40 -17.87
N TYR B 13 -5.25 6.35 -19.15
CA TYR B 13 -4.79 7.39 -20.09
C TYR B 13 -5.68 8.65 -20.03
N PRO B 14 -5.15 9.82 -20.44
CA PRO B 14 -5.96 11.05 -20.36
C PRO B 14 -7.35 10.98 -21.00
N GLY B 15 -7.48 10.39 -22.19
CA GLY B 15 -8.81 10.28 -22.85
C GLY B 15 -9.82 9.53 -21.99
N THR B 16 -9.36 8.49 -21.35
CA THR B 16 -10.23 7.73 -20.46
C THR B 16 -10.65 8.57 -19.25
N PHE B 17 -9.73 9.38 -18.71
CA PHE B 17 -10.05 10.14 -17.50
C PHE B 17 -11.07 11.24 -17.78
N TYR B 18 -10.82 12.02 -18.82
CA TYR B 18 -11.71 13.10 -19.23
C TYR B 18 -13.13 12.60 -19.55
N PHE B 19 -13.22 11.45 -20.20
CA PHE B 19 -14.52 10.91 -20.57
C PHE B 19 -15.24 10.34 -19.37
N GLN B 20 -14.58 9.43 -18.64
CA GLN B 20 -15.22 8.70 -17.54
C GLN B 20 -15.57 9.52 -16.31
N PHE B 21 -14.74 10.53 -16.00
CA PHE B 21 -14.91 11.29 -14.75
C PHE B 21 -15.61 12.64 -14.96
N LYS B 22 -15.91 12.97 -16.21
CA LYS B 22 -16.64 14.21 -16.52
C LYS B 22 -17.93 14.22 -15.68
N ASN B 23 -18.15 15.27 -14.91
CA ASN B 23 -19.30 15.25 -13.99
C ASN B 23 -20.65 15.65 -14.61
N LEU B 24 -21.17 14.75 -15.46
CA LEU B 24 -22.56 14.79 -16.00
C LEU B 24 -22.94 16.09 -16.75
N TRP B 25 -24.21 16.51 -16.79
CA TRP B 25 -25.37 15.88 -16.10
C TRP B 25 -25.90 14.65 -16.75
N GLU B 26 -25.89 14.64 -18.08
CA GLU B 26 -26.42 13.49 -18.81
C GLU B 26 -25.27 12.54 -19.13
N ALA B 27 -24.98 11.68 -18.16
CA ALA B 27 -24.10 10.55 -18.37
C ALA B 27 -24.96 9.30 -18.55
N ASN B 28 -25.47 9.14 -19.77
CA ASN B 28 -26.14 7.92 -20.18
C ASN B 28 -25.05 7.06 -20.75
N ASP B 29 -24.21 7.70 -21.56
CA ASP B 29 -23.13 7.05 -22.29
C ASP B 29 -22.01 6.52 -21.39
N ARG B 30 -22.11 6.78 -20.08
CA ARG B 30 -21.18 6.21 -19.13
C ARG B 30 -21.77 4.94 -18.55
N ASN B 31 -21.50 3.82 -19.20
CA ASN B 31 -21.96 2.54 -18.70
C ASN B 31 -20.87 1.79 -17.95
N GLU B 32 -19.76 2.46 -17.64
CA GLU B 32 -18.71 1.89 -16.80
C GLU B 32 -18.58 2.68 -15.48
N THR B 33 -18.07 1.99 -14.46
CA THR B 33 -17.70 2.58 -13.17
C THR B 33 -16.18 2.45 -12.97
N TRP B 34 -15.52 3.59 -12.78
CA TRP B 34 -14.08 3.67 -12.50
C TRP B 34 -13.86 4.10 -11.08
N LEU B 35 -12.95 3.41 -10.40
CA LEU B 35 -12.71 3.60 -8.98
C LEU B 35 -11.23 3.73 -8.82
N CYS B 36 -10.79 4.94 -8.49
CA CYS B 36 -9.41 5.16 -8.09
C CYS B 36 -9.30 5.07 -6.58
N PHE B 37 -8.19 4.53 -6.08
CA PHE B 37 -8.05 4.39 -4.66
C PHE B 37 -6.65 4.75 -4.23
N THR B 38 -6.52 5.21 -2.99
CA THR B 38 -5.25 5.29 -2.29
C THR B 38 -5.47 4.53 -0.98
N VAL B 39 -4.50 3.72 -0.58
CA VAL B 39 -4.56 3.04 0.69
C VAL B 39 -3.30 3.47 1.43
N GLU B 40 -3.51 3.96 2.64
CA GLU B 40 -2.44 4.48 3.50
C GLU B 40 -2.42 3.64 4.77
N GLY B 41 -1.30 2.93 4.98
CA GLY B 41 -1.17 1.96 6.08
C GLY B 41 -0.27 2.58 7.12
N ILE B 42 -0.80 2.74 8.33
CA ILE B 42 -0.15 3.56 9.35
C ILE B 42 0.07 2.72 10.60
N LYS B 43 1.29 2.72 11.11
CA LYS B 43 1.60 2.19 12.43
C LYS B 43 2.45 3.23 13.16
N ARG B 44 2.47 3.15 14.49
CA ARG B 44 3.10 4.16 15.37
C ARG B 44 4.53 4.51 15.04
N ARG B 45 5.31 3.51 14.63
CA ARG B 45 6.72 3.75 14.31
C ARG B 45 7.11 3.20 12.92
N SER B 46 6.15 3.17 11.98
CA SER B 46 6.44 2.70 10.63
C SER B 46 6.48 3.83 9.60
N VAL B 47 7.18 3.57 8.49
CA VAL B 47 7.05 4.35 7.26
C VAL B 47 5.70 4.04 6.62
N VAL B 48 4.88 5.07 6.39
CA VAL B 48 3.54 4.90 5.84
C VAL B 48 3.64 4.10 4.53
N SER B 49 2.85 3.05 4.40
CA SER B 49 2.71 2.44 3.10
C SER B 49 1.64 3.21 2.32
N TRP B 50 1.73 3.11 1.01
CA TRP B 50 1.00 4.00 0.15
C TRP B 50 0.73 3.24 -1.11
N LYS B 51 -0.46 2.63 -1.21
CA LYS B 51 -0.87 1.89 -2.42
C LYS B 51 -1.94 2.65 -3.21
N THR B 52 -1.72 2.79 -4.52
CA THR B 52 -2.65 3.48 -5.40
C THR B 52 -2.96 2.61 -6.62
N GLY B 53 -4.13 2.83 -7.21
CA GLY B 53 -4.53 2.09 -8.39
C GLY B 53 -5.96 2.38 -8.76
N VAL B 54 -6.51 1.52 -9.61
CA VAL B 54 -7.77 1.71 -10.33
C VAL B 54 -8.40 0.35 -10.58
N PHE B 55 -9.64 0.17 -10.12
CA PHE B 55 -10.50 -0.91 -10.56
C PHE B 55 -11.57 -0.27 -11.42
N ARG B 56 -12.17 -1.07 -12.31
CA ARG B 56 -13.30 -0.62 -13.13
C ARG B 56 -14.19 -1.80 -13.52
N ASN B 57 -15.39 -1.52 -14.02
CA ASN B 57 -16.36 -2.55 -14.47
C ASN B 57 -17.49 -1.96 -15.30
N GLN B 58 -18.20 -2.78 -16.06
CA GLN B 58 -19.42 -2.33 -16.74
C GLN B 58 -20.55 -2.19 -15.72
N VAL B 59 -21.38 -1.17 -15.88
CA VAL B 59 -22.62 -1.03 -15.10
C VAL B 59 -23.54 -2.22 -15.43
N ASP B 60 -23.37 -2.76 -16.63
CA ASP B 60 -24.06 -3.97 -17.09
C ASP B 60 -23.23 -5.23 -16.78
N SER B 61 -23.17 -5.59 -15.50
CA SER B 61 -22.47 -6.80 -15.03
C SER B 61 -22.87 -7.13 -13.59
N GLU B 62 -22.60 -8.37 -13.17
CA GLU B 62 -23.03 -8.88 -11.87
C GLU B 62 -22.22 -8.29 -10.71
N THR B 63 -22.87 -8.16 -9.57
CA THR B 63 -22.40 -7.37 -8.44
C THR B 63 -20.99 -7.72 -7.96
N HIS B 64 -20.72 -9.00 -7.74
CA HIS B 64 -19.39 -9.45 -7.29
C HIS B 64 -18.25 -9.04 -8.20
N CYS B 65 -18.59 -8.47 -9.36
CA CYS B 65 -17.60 -7.92 -10.28
C CYS B 65 -17.51 -6.41 -10.23
N HIS B 66 -18.35 -5.77 -9.42
CA HIS B 66 -18.29 -4.31 -9.29
C HIS B 66 -16.96 -3.86 -8.77
N ALA B 67 -16.46 -2.75 -9.30
CA ALA B 67 -15.19 -2.20 -8.85
C ALA B 67 -15.08 -2.20 -7.32
N GLU B 68 -16.16 -1.84 -6.62
CA GLU B 68 -16.17 -1.80 -5.15
C GLU B 68 -15.84 -3.15 -4.52
N ARG B 69 -16.35 -4.23 -5.12
CA ARG B 69 -16.15 -5.60 -4.63
C ARG B 69 -14.77 -6.13 -4.96
N CYS B 70 -14.26 -5.78 -6.12
CA CYS B 70 -12.89 -6.15 -6.47
C CYS B 70 -11.88 -5.51 -5.50
N PHE B 71 -12.10 -4.23 -5.18
CA PHE B 71 -11.27 -3.58 -4.17
C PHE B 71 -11.29 -4.35 -2.86
N LEU B 72 -12.49 -4.65 -2.35
CA LEU B 72 -12.59 -5.28 -1.04
C LEU B 72 -11.93 -6.64 -1.02
N SER B 73 -12.14 -7.38 -2.11
CA SER B 73 -11.55 -8.71 -2.27
CA SER B 73 -11.54 -8.71 -2.23
C SER B 73 -10.03 -8.60 -2.26
N TRP B 74 -9.50 -7.81 -3.18
CA TRP B 74 -8.08 -7.55 -3.27
C TRP B 74 -7.48 -7.05 -1.99
N PHE B 75 -8.16 -6.12 -1.34
CA PHE B 75 -7.64 -5.53 -0.10
C PHE B 75 -7.56 -6.54 1.05
N CYS B 76 -8.59 -7.37 1.18
CA CYS B 76 -8.69 -8.34 2.25
C CYS B 76 -7.74 -9.50 2.06
N ASP B 77 -7.57 -9.93 0.82
CA ASP B 77 -6.67 -11.03 0.53
C ASP B 77 -5.25 -10.53 0.60
N ASP B 78 -4.94 -9.52 -0.21
CA ASP B 78 -3.55 -9.11 -0.48
C ASP B 78 -2.93 -8.01 0.39
N ILE B 79 -3.72 -7.25 1.13
CA ILE B 79 -3.16 -6.04 1.76
C ILE B 79 -3.27 -6.06 3.25
N LEU B 80 -4.50 -6.27 3.72
CA LEU B 80 -4.79 -6.21 5.13
C LEU B 80 -3.78 -6.96 6.03
N SER B 81 -3.09 -6.19 6.87
CA SER B 81 -2.24 -6.71 7.92
C SER B 81 -2.86 -6.35 9.27
N PRO B 82 -2.84 -7.29 10.21
CA PRO B 82 -3.40 -6.96 11.53
C PRO B 82 -2.59 -5.85 12.19
N ASN B 83 -3.20 -5.19 13.19
CA ASN B 83 -2.48 -4.20 14.00
C ASN B 83 -1.93 -3.03 13.16
N THR B 84 -2.65 -2.68 12.09
CA THR B 84 -2.32 -1.57 11.19
C THR B 84 -3.56 -0.70 10.99
N LYS B 85 -3.39 0.63 11.02
CA LYS B 85 -4.48 1.56 10.69
C LYS B 85 -4.49 1.82 9.17
N TYR B 86 -5.66 1.79 8.57
CA TYR B 86 -5.76 2.13 7.18
C TYR B 86 -6.65 3.33 6.99
N GLN B 87 -6.15 4.25 6.16
CA GLN B 87 -6.96 5.31 5.58
C GLN B 87 -7.17 4.98 4.11
N VAL B 88 -8.41 4.63 3.76
CA VAL B 88 -8.70 4.29 2.39
C VAL B 88 -9.48 5.42 1.75
N THR B 89 -9.09 5.85 0.55
CA THR B 89 -9.86 6.87 -0.14
C THR B 89 -10.24 6.33 -1.51
N TRP B 90 -11.52 6.43 -1.86
CA TRP B 90 -11.99 6.18 -3.22
C TRP B 90 -12.38 7.42 -3.95
N TYR B 91 -12.00 7.47 -5.23
CA TYR B 91 -12.54 8.45 -6.16
C TYR B 91 -13.25 7.69 -7.26
N THR B 92 -14.57 7.72 -7.18
CA THR B 92 -15.42 6.94 -8.09
C THR B 92 -16.15 7.85 -9.11
N SER B 93 -16.27 7.36 -10.34
CA SER B 93 -16.91 8.10 -11.42
C SER B 93 -18.43 8.09 -11.24
N TRP B 94 -18.96 6.96 -10.79
CA TRP B 94 -20.34 6.81 -10.34
C TRP B 94 -20.30 6.38 -8.91
N SER B 95 -21.15 6.97 -8.05
CA SER B 95 -21.28 6.54 -6.65
C SER B 95 -21.75 5.09 -6.54
N PRO B 96 -21.53 4.41 -5.39
CA PRO B 96 -21.81 2.96 -5.38
C PRO B 96 -23.27 2.59 -5.55
N CYS B 97 -23.51 1.36 -6.02
CA CYS B 97 -24.86 0.77 -6.10
C CYS B 97 -25.31 0.34 -4.71
N PRO B 98 -26.64 0.15 -4.50
CA PRO B 98 -27.13 -0.16 -3.15
C PRO B 98 -26.48 -1.40 -2.57
N ASP B 99 -26.28 -2.42 -3.40
CA ASP B 99 -25.70 -3.67 -2.94
C ASP B 99 -24.21 -3.55 -2.52
N CYS B 100 -23.40 -2.90 -3.36
CA CYS B 100 -22.01 -2.62 -3.00
C CYS B 100 -21.97 -1.80 -1.70
N ALA B 101 -22.78 -0.76 -1.62
CA ALA B 101 -22.92 0.03 -0.37
C ALA B 101 -23.12 -0.80 0.89
N GLY B 102 -24.00 -1.79 0.81
CA GLY B 102 -24.23 -2.68 1.95
C GLY B 102 -23.01 -3.52 2.25
N GLU B 103 -22.40 -4.06 1.20
CA GLU B 103 -21.21 -4.88 1.36
C GLU B 103 -20.07 -4.09 2.04
N VAL B 104 -19.84 -2.88 1.56
CA VAL B 104 -18.86 -1.96 2.15
C VAL B 104 -19.14 -1.71 3.63
N ALA B 105 -20.41 -1.51 3.99
CA ALA B 105 -20.74 -1.28 5.41
C ALA B 105 -20.41 -2.48 6.27
N GLU B 106 -20.75 -3.67 5.79
CA GLU B 106 -20.44 -4.89 6.51
C GLU B 106 -18.93 -5.05 6.75
N PHE B 107 -18.15 -4.91 5.68
CA PHE B 107 -16.70 -4.92 5.77
C PHE B 107 -16.20 -3.92 6.84
N LEU B 108 -16.69 -2.69 6.81
CA LEU B 108 -16.20 -1.71 7.79
C LEU B 108 -16.63 -2.10 9.21
N ALA B 109 -17.84 -2.65 9.34
CA ALA B 109 -18.32 -3.15 10.63
C ALA B 109 -17.35 -4.23 11.15
N ARG B 110 -16.85 -5.08 10.26
CA ARG B 110 -15.93 -6.13 10.64
C ARG B 110 -14.48 -5.66 10.85
N HIS B 111 -14.09 -4.56 10.20
CA HIS B 111 -12.71 -4.12 10.27
C HIS B 111 -12.60 -2.70 10.74
N SER B 112 -12.55 -2.51 12.06
CA SER B 112 -12.60 -1.17 12.63
C SER B 112 -11.28 -0.41 12.58
N ASN B 113 -10.22 -1.05 12.11
CA ASN B 113 -8.94 -0.36 11.89
C ASN B 113 -8.86 0.33 10.51
N VAL B 114 -9.89 0.12 9.69
CA VAL B 114 -10.00 0.70 8.35
C VAL B 114 -10.97 1.87 8.37
N ASN B 115 -10.56 2.96 7.75
CA ASN B 115 -11.42 4.12 7.57
C ASN B 115 -11.51 4.40 6.07
N LEU B 116 -12.73 4.55 5.56
CA LEU B 116 -12.96 4.84 4.16
C LEU B 116 -13.53 6.25 3.96
N THR B 117 -13.07 6.92 2.92
CA THR B 117 -13.65 8.18 2.49
C THR B 117 -13.97 7.98 1.02
N ILE B 118 -15.14 8.40 0.57
CA ILE B 118 -15.51 8.24 -0.85
C ILE B 118 -15.76 9.62 -1.44
N PHE B 119 -15.06 9.93 -2.52
CA PHE B 119 -15.39 11.07 -3.32
C PHE B 119 -15.96 10.53 -4.59
N THR B 120 -17.07 11.13 -5.05
CA THR B 120 -17.70 10.70 -6.29
C THR B 120 -17.93 11.79 -7.34
N ALA B 121 -17.66 11.44 -8.59
CA ALA B 121 -17.80 12.41 -9.69
C ALA B 121 -19.27 12.70 -9.99
N ARG B 122 -20.07 11.63 -10.00
CA ARG B 122 -21.49 11.69 -10.32
C ARG B 122 -22.17 10.82 -9.30
N LEU B 123 -23.46 11.04 -9.10
CA LEU B 123 -24.25 10.20 -8.20
C LEU B 123 -24.96 9.15 -9.00
N TYR B 124 -24.86 7.90 -8.53
CA TYR B 124 -25.49 6.76 -9.17
C TYR B 124 -27.02 6.82 -9.10
N TYR B 125 -27.66 7.04 -10.26
CA TYR B 125 -29.14 6.99 -10.39
C TYR B 125 -29.92 7.78 -9.33
N PHE B 126 -29.63 9.08 -9.20
CA PHE B 126 -30.34 9.89 -8.19
C PHE B 126 -31.55 10.66 -8.74
N GLN B 127 -32.20 10.03 -9.72
CA GLN B 127 -33.47 10.48 -10.24
C GLN B 127 -34.58 9.70 -9.52
N TYR B 128 -34.21 8.54 -8.96
CA TYR B 128 -35.16 7.58 -8.37
C TYR B 128 -34.72 6.99 -6.99
N PRO B 129 -35.68 6.46 -6.19
CA PRO B 129 -35.65 6.21 -4.71
C PRO B 129 -34.45 5.54 -3.99
N CYS B 130 -34.32 4.21 -4.10
CA CYS B 130 -33.55 3.40 -3.13
C CYS B 130 -32.01 3.48 -3.16
N TYR B 131 -31.45 3.95 -4.27
CA TYR B 131 -30.00 4.11 -4.42
C TYR B 131 -29.50 5.10 -3.37
N GLN B 132 -30.37 6.06 -3.04
CA GLN B 132 -30.14 7.06 -2.00
C GLN B 132 -30.10 6.43 -0.61
N GLU B 133 -30.94 5.41 -0.38
CA GLU B 133 -30.96 4.67 0.89
C GLU B 133 -29.68 3.86 1.09
N GLY B 134 -29.00 3.54 -0.01
CA GLY B 134 -27.70 2.88 0.05
C GLY B 134 -26.63 3.80 0.62
N LEU B 135 -26.53 5.00 0.07
CA LEU B 135 -25.52 5.98 0.52
C LEU B 135 -25.73 6.48 1.94
N ARG B 136 -26.98 6.55 2.39
CA ARG B 136 -27.26 6.96 3.78
C ARG B 136 -26.73 5.90 4.76
N SER B 137 -26.84 4.64 4.36
CA SER B 137 -26.32 3.51 5.14
C SER B 137 -24.81 3.62 5.40
N LEU B 138 -24.07 4.04 4.37
CA LEU B 138 -22.63 4.26 4.50
C LEU B 138 -22.32 5.43 5.43
N SER B 139 -23.00 6.56 5.22
CA SER B 139 -22.74 7.80 5.97
C SER B 139 -22.94 7.62 7.47
N GLN B 140 -23.94 6.83 7.84
CA GLN B 140 -24.21 6.56 9.24
C GLN B 140 -23.27 5.54 9.83
N GLU B 141 -22.63 4.74 8.97
CA GLU B 141 -21.73 3.68 9.42
CA GLU B 141 -21.73 3.67 9.43
C GLU B 141 -20.26 4.11 9.39
N GLY B 142 -20.03 5.41 9.47
CA GLY B 142 -18.68 5.98 9.57
C GLY B 142 -17.99 6.46 8.29
N VAL B 143 -18.69 6.43 7.16
CA VAL B 143 -18.07 6.77 5.87
C VAL B 143 -18.45 8.18 5.44
N ALA B 144 -17.46 9.03 5.23
CA ALA B 144 -17.66 10.32 4.62
C ALA B 144 -17.83 10.12 3.11
N VAL B 145 -18.97 10.56 2.58
CA VAL B 145 -19.25 10.53 1.15
C VAL B 145 -19.33 11.96 0.62
N GLU B 146 -18.47 12.31 -0.34
CA GLU B 146 -18.44 13.66 -0.85
C GLU B 146 -18.49 13.64 -2.39
N ILE B 147 -18.89 14.77 -2.99
CA ILE B 147 -18.80 14.97 -4.43
C ILE B 147 -17.41 15.52 -4.72
N MET B 148 -16.81 15.00 -5.79
CA MET B 148 -15.49 15.48 -6.23
C MET B 148 -15.58 16.92 -6.72
N ASP B 149 -14.64 17.71 -6.21
CA ASP B 149 -14.47 19.08 -6.63
CA ASP B 149 -14.45 19.09 -6.59
C ASP B 149 -13.22 19.20 -7.50
N TYR B 150 -12.95 20.42 -7.95
CA TYR B 150 -11.79 20.67 -8.81
C TYR B 150 -10.49 20.09 -8.24
N GLU B 151 -10.23 20.30 -6.96
CA GLU B 151 -8.99 19.82 -6.39
C GLU B 151 -8.96 18.29 -6.40
N ASP B 152 -10.12 17.64 -6.35
CA ASP B 152 -10.18 16.18 -6.41
C ASP B 152 -9.86 15.67 -7.79
N PHE B 153 -10.40 16.35 -8.81
CA PHE B 153 -10.10 15.91 -10.18
C PHE B 153 -8.63 16.14 -10.48
N LYS B 154 -8.10 17.29 -10.03
CA LYS B 154 -6.70 17.62 -10.20
C LYS B 154 -5.81 16.54 -9.52
N TYR B 155 -6.17 16.13 -8.30
CA TYR B 155 -5.45 15.09 -7.57
C TYR B 155 -5.48 13.76 -8.34
N CYS B 156 -6.65 13.43 -8.89
CA CYS B 156 -6.74 12.22 -9.68
C CYS B 156 -5.86 12.25 -10.93
N TRP B 157 -5.81 13.39 -11.62
CA TRP B 157 -4.97 13.60 -12.77
C TRP B 157 -3.52 13.40 -12.41
N GLU B 158 -3.14 13.93 -11.25
CA GLU B 158 -1.78 13.79 -10.75
C GLU B 158 -1.46 12.34 -10.38
N ASN B 159 -2.44 11.61 -9.86
CA ASN B 159 -2.15 10.29 -9.25
C ASN B 159 -2.58 9.03 -10.00
N PHE B 160 -3.57 9.15 -10.89
CA PHE B 160 -4.15 8.01 -11.58
C PHE B 160 -4.15 8.12 -13.12
N VAL B 161 -3.40 9.08 -13.64
CA VAL B 161 -3.37 9.36 -15.09
C VAL B 161 -1.93 9.44 -15.62
N TYR B 162 -1.64 8.72 -16.71
CA TYR B 162 -0.38 8.90 -17.46
C TYR B 162 -0.47 10.22 -18.22
N ASN B 163 -0.15 11.31 -17.52
CA ASN B 163 -0.43 12.66 -18.00
C ASN B 163 0.72 13.26 -18.79
N ASP B 164 1.77 12.46 -19.00
CA ASP B 164 2.96 12.93 -19.68
C ASP B 164 3.44 14.28 -19.12
N ASN B 165 3.29 14.47 -17.80
CA ASN B 165 3.64 15.75 -17.15
C ASN B 165 2.88 17.01 -17.66
N GLU B 166 1.75 16.82 -18.32
CA GLU B 166 0.92 17.93 -18.76
C GLU B 166 -0.01 18.34 -17.61
N PRO B 167 -0.49 19.60 -17.59
CA PRO B 167 -1.40 19.93 -16.51
C PRO B 167 -2.79 19.40 -16.80
N PHE B 168 -3.63 19.41 -15.77
CA PHE B 168 -5.03 19.03 -15.88
C PHE B 168 -5.80 20.22 -16.44
N LYS B 169 -6.57 19.97 -17.49
CA LYS B 169 -7.44 21.00 -18.04
C LYS B 169 -8.90 20.75 -17.63
N PRO B 170 -9.40 21.53 -16.67
CA PRO B 170 -10.80 21.28 -16.28
C PRO B 170 -11.76 21.65 -17.44
N TRP B 171 -12.79 20.86 -17.66
CA TRP B 171 -13.80 21.17 -18.68
C TRP B 171 -14.74 22.25 -18.17
N LYS B 172 -15.23 23.05 -19.11
CA LYS B 172 -16.28 24.02 -18.85
C LYS B 172 -17.47 23.35 -18.13
N GLY B 173 -17.99 24.01 -17.09
CA GLY B 173 -19.11 23.47 -16.33
C GLY B 173 -18.70 22.64 -15.11
N LEU B 174 -17.42 22.32 -14.96
CA LEU B 174 -16.99 21.46 -13.83
C LEU B 174 -17.57 21.96 -12.49
N LYS B 175 -17.29 23.23 -12.16
CA LYS B 175 -17.73 23.83 -10.89
C LYS B 175 -19.26 23.86 -10.71
N THR B 176 -19.97 24.36 -11.72
CA THR B 176 -21.45 24.34 -11.74
C THR B 176 -22.01 22.95 -11.49
N ASN B 177 -21.50 21.96 -12.22
CA ASN B 177 -21.92 20.57 -12.00
C ASN B 177 -21.68 20.11 -10.54
N PHE B 178 -20.48 20.36 -10.01
CA PHE B 178 -20.16 19.98 -8.61
C PHE B 178 -21.14 20.59 -7.62
N ARG B 179 -21.42 21.88 -7.79
CA ARG B 179 -22.30 22.59 -6.85
C ARG B 179 -23.65 21.90 -6.80
N LEU B 180 -24.23 21.65 -7.96
CA LEU B 180 -25.53 21.00 -8.04
C LEU B 180 -25.56 19.61 -7.42
N LEU B 181 -24.52 18.82 -7.72
CA LEU B 181 -24.49 17.46 -7.19
C LEU B 181 -24.34 17.53 -5.68
N LYS B 182 -23.56 18.49 -5.23
CA LYS B 182 -23.37 18.62 -3.79
C LYS B 182 -24.70 18.87 -3.08
N ARG B 183 -25.56 19.70 -3.66
CA ARG B 183 -26.93 19.84 -3.09
C ARG B 183 -27.70 18.53 -3.11
N ARG B 184 -27.68 17.85 -4.25
CA ARG B 184 -28.44 16.61 -4.36
C ARG B 184 -27.99 15.64 -3.28
N LEU B 185 -26.67 15.52 -3.09
CA LEU B 185 -26.13 14.59 -2.07
C LEU B 185 -26.58 14.93 -0.67
N ARG B 186 -26.51 16.21 -0.29
CA ARG B 186 -26.88 16.59 1.07
C ARG B 186 -28.37 16.35 1.32
N GLU B 187 -29.18 16.73 0.33
CA GLU B 187 -30.63 16.56 0.46
C GLU B 187 -30.93 15.10 0.57
N SER B 188 -30.18 14.29 -0.18
CA SER B 188 -30.43 12.86 -0.24
C SER B 188 -29.91 12.10 0.97
N LEU B 189 -29.08 12.73 1.80
CA LEU B 189 -28.53 12.06 2.98
C LEU B 189 -29.31 12.42 4.22
N GLN B 190 -28.85 13.49 4.88
CA GLN B 190 -29.43 14.02 6.10
C GLN B 190 -28.76 15.37 6.37
ZN ZN C . 19.12 -11.40 13.49
ZN ZN D . -22.12 -2.08 -7.09
CL CL E . 1.10 0.31 15.69
#